data_7LAQ
#
_entry.id   7LAQ
#
_cell.length_a   176.989
_cell.length_b   176.989
_cell.length_c   176.989
_cell.angle_alpha   90.000
_cell.angle_beta   90.000
_cell.angle_gamma   90.000
#
_symmetry.space_group_name_H-M   'I 2 3'
#
loop_
_entity.id
_entity.type
_entity.pdbx_description
1 polymer 'Lytic transglycosylase domain-containing protein'
2 branched 2-acetamido-2-deoxy-beta-D-glucopyranose-(1-4)-2-acetamido-2-deoxy-beta-D-glucopyranose
3 non-polymer 'CITRIC ACID'
4 non-polymer 'ACETATE ION'
5 water water
#
_entity_poly.entity_id   1
_entity_poly.type   'polypeptide(L)'
_entity_poly.pdbx_seq_one_letter_code
;MGSSHHHHHHSSGLVPRGSHMQYSIEKLKKEENSLAKDYYIYRLLEKNKISKKDAQDLNSHIFRYIGKIKSELEKIIPLK
PYINPKYAKCYTYTANTILDANLTCQSVRLNSLVFIASLNSKDRTTLAQTFKNQRPDLTNLLLAFNTSDPMSYIVQKEDI
NGFFKLYNYSKKYDLDLNTSLVNKLPNHIGFKDFAQNIIIKKENPKFRHSMLEINPENVSEDSAFYLGVNALTYDKTELA
YDFFKKAAQSFKSQSNKDNAIFWMWLIKNNEEDLKTLSQSSSLNIYSLYAKELTNTPFPKIESLNPSKKKNNFNMQDPFA
WQKINKQIRDANASQLDVLAKEFDTQETLPIYAYILERKNNFKKHYFIMPYYDNIKDYNKTRQALILAIARQESRFIPTA
ISVSYALGMMQFMPFLANHIGEKELKIPNFDQDFMFKPEIAYYFGNYHLNYLESRLKSPLFVAYAYNGGIGFTNRMLARN
DMFKTGKFEPFLSMELVPYQESRIYGKKVLANYIVYRHLLNDSIKISDIFENLIQNKANDLNKS
;
_entity_poly.pdbx_strand_id   A
#
# COMPACT_ATOMS: atom_id res chain seq x y z
N MET A 21 -10.53 -20.12 21.82
CA MET A 21 -11.98 -20.18 21.41
C MET A 21 -12.11 -20.47 19.90
N GLN A 22 -12.84 -21.54 19.56
CA GLN A 22 -13.17 -21.93 18.16
C GLN A 22 -14.60 -21.48 17.82
N TYR A 23 -14.88 -21.42 16.52
CA TYR A 23 -16.24 -21.22 15.97
C TYR A 23 -16.40 -22.25 14.85
N SER A 24 -17.42 -23.10 14.97
CA SER A 24 -17.89 -24.01 13.89
C SER A 24 -18.41 -23.18 12.72
N ILE A 25 -18.39 -23.79 11.53
CA ILE A 25 -18.86 -23.15 10.28
C ILE A 25 -20.29 -22.63 10.46
N GLU A 26 -21.11 -23.30 11.29
CA GLU A 26 -22.56 -22.99 11.45
C GLU A 26 -22.76 -21.73 12.30
N LYS A 27 -21.94 -21.49 13.34
CA LYS A 27 -21.96 -20.24 14.15
C LYS A 27 -21.48 -19.04 13.31
N LEU A 28 -20.57 -19.28 12.37
CA LEU A 28 -19.93 -18.22 11.54
C LEU A 28 -20.92 -17.79 10.45
N LYS A 29 -21.66 -18.75 9.89
CA LYS A 29 -22.67 -18.48 8.84
C LYS A 29 -23.75 -17.56 9.44
N LYS A 30 -23.89 -17.52 10.78
CA LYS A 30 -24.89 -16.70 11.49
C LYS A 30 -24.34 -15.29 11.80
N GLU A 31 -23.05 -15.05 11.63
CA GLU A 31 -22.39 -13.71 11.83
C GLU A 31 -22.41 -12.92 10.51
N GLU A 32 -22.32 -11.59 10.59
CA GLU A 32 -22.21 -10.68 9.42
C GLU A 32 -20.91 -10.97 8.66
N ASN A 33 -20.94 -10.88 7.33
CA ASN A 33 -19.71 -10.92 6.48
C ASN A 33 -18.79 -9.79 6.95
N SER A 34 -17.50 -10.08 7.14
CA SER A 34 -16.44 -9.17 7.64
C SER A 34 -15.11 -9.90 7.57
N LEU A 35 -13.99 -9.18 7.64
CA LEU A 35 -12.64 -9.81 7.69
C LEU A 35 -12.50 -10.75 8.90
N ALA A 36 -13.16 -10.48 10.04
CA ALA A 36 -13.09 -11.40 11.20
C ALA A 36 -13.64 -12.76 10.76
N LYS A 37 -14.80 -12.74 10.14
CA LYS A 37 -15.51 -13.95 9.69
C LYS A 37 -14.68 -14.65 8.61
N ASP A 38 -14.09 -13.91 7.66
CA ASP A 38 -13.17 -14.49 6.66
C ASP A 38 -12.02 -15.22 7.39
N TYR A 39 -11.42 -14.57 8.38
CA TYR A 39 -10.24 -15.09 9.11
C TYR A 39 -10.61 -16.48 9.67
N TYR A 40 -11.78 -16.57 10.30
CA TYR A 40 -12.22 -17.81 11.03
C TYR A 40 -12.60 -18.91 10.03
N ILE A 41 -13.16 -18.56 8.87
CA ILE A 41 -13.42 -19.53 7.78
C ILE A 41 -12.06 -20.02 7.28
N TYR A 42 -11.13 -19.12 7.06
CA TYR A 42 -9.79 -19.51 6.53
C TYR A 42 -9.12 -20.46 7.54
N ARG A 43 -9.37 -20.26 8.84
CA ARG A 43 -8.75 -21.08 9.91
C ARG A 43 -9.29 -22.50 9.80
N LEU A 44 -10.57 -22.65 9.50
CA LEU A 44 -11.20 -23.97 9.28
C LEU A 44 -10.58 -24.59 8.03
N LEU A 45 -10.45 -23.83 6.93
CA LEU A 45 -9.85 -24.34 5.68
C LEU A 45 -8.41 -24.82 5.92
N GLU A 46 -7.59 -24.12 6.69
CA GLU A 46 -6.16 -24.52 6.74
C GLU A 46 -6.06 -25.78 7.61
N LYS A 47 -7.05 -26.04 8.47
CA LYS A 47 -7.13 -27.25 9.34
C LYS A 47 -7.97 -28.35 8.67
N ASN A 48 -8.47 -28.12 7.45
CA ASN A 48 -9.23 -29.12 6.65
C ASN A 48 -10.57 -29.48 7.32
N LYS A 49 -11.20 -28.54 8.03
CA LYS A 49 -12.46 -28.78 8.77
C LYS A 49 -13.66 -28.36 7.90
N ILE A 50 -13.46 -27.88 6.67
CA ILE A 50 -14.58 -27.56 5.72
C ILE A 50 -14.79 -28.74 4.75
N SER A 51 -15.92 -29.43 4.87
CA SER A 51 -16.33 -30.52 3.94
C SER A 51 -16.73 -29.92 2.59
N LYS A 52 -16.73 -30.71 1.52
CA LYS A 52 -17.32 -30.33 0.21
C LYS A 52 -18.76 -29.82 0.38
N LYS A 53 -19.56 -30.46 1.22
CA LYS A 53 -20.97 -30.06 1.50
C LYS A 53 -21.03 -28.68 2.15
N ASP A 54 -20.17 -28.41 3.16
CA ASP A 54 -20.10 -27.09 3.85
C ASP A 54 -19.70 -26.01 2.83
N ALA A 55 -18.86 -26.35 1.86
CA ALA A 55 -18.25 -25.43 0.88
C ALA A 55 -19.24 -24.99 -0.22
N GLN A 56 -20.43 -25.61 -0.35
CA GLN A 56 -21.35 -25.33 -1.51
C GLN A 56 -21.75 -23.84 -1.50
N ASP A 57 -22.41 -23.35 -0.45
CA ASP A 57 -23.06 -22.01 -0.46
C ASP A 57 -22.09 -20.92 0.04
N LEU A 58 -20.77 -21.21 0.09
CA LEU A 58 -19.83 -20.55 1.02
C LEU A 58 -19.28 -19.25 0.42
N ASN A 59 -19.37 -19.05 -0.89
CA ASN A 59 -19.00 -17.79 -1.59
C ASN A 59 -19.72 -16.57 -1.00
N SER A 60 -21.02 -16.70 -0.76
CA SER A 60 -21.90 -15.63 -0.24
C SER A 60 -21.59 -15.32 1.25
N HIS A 61 -20.70 -16.08 1.90
CA HIS A 61 -20.32 -15.89 3.33
C HIS A 61 -18.92 -15.25 3.46
N ILE A 62 -18.31 -14.86 2.36
CA ILE A 62 -16.92 -14.33 2.35
C ILE A 62 -16.90 -12.86 1.94
N PHE A 63 -16.41 -11.99 2.83
CA PHE A 63 -16.35 -10.51 2.65
C PHE A 63 -15.40 -10.16 1.51
N ARG A 64 -14.26 -10.81 1.43
CA ARG A 64 -13.20 -10.44 0.46
C ARG A 64 -12.59 -11.72 -0.11
N TYR A 65 -13.15 -12.19 -1.23
CA TYR A 65 -12.81 -13.46 -1.90
C TYR A 65 -11.56 -13.24 -2.75
N ILE A 66 -10.42 -13.03 -2.09
CA ILE A 66 -9.12 -12.69 -2.73
C ILE A 66 -7.98 -13.37 -1.95
N GLY A 67 -6.94 -13.86 -2.64
CA GLY A 67 -5.75 -14.45 -2.01
C GLY A 67 -6.07 -15.79 -1.37
N LYS A 68 -5.54 -16.02 -0.18
CA LYS A 68 -5.34 -17.38 0.39
C LYS A 68 -6.70 -18.09 0.55
N ILE A 69 -7.72 -17.37 1.01
CA ILE A 69 -9.04 -17.97 1.33
C ILE A 69 -9.69 -18.49 0.04
N LYS A 70 -9.39 -17.84 -1.09
CA LYS A 70 -9.98 -18.16 -2.40
C LYS A 70 -9.27 -19.38 -2.98
N SER A 71 -7.94 -19.42 -2.99
CA SER A 71 -7.17 -20.56 -3.54
C SER A 71 -7.39 -21.80 -2.66
N GLU A 72 -7.62 -21.58 -1.37
CA GLU A 72 -7.92 -22.63 -0.37
C GLU A 72 -9.34 -23.15 -0.64
N LEU A 73 -10.33 -22.28 -0.89
CA LEU A 73 -11.72 -22.77 -1.15
C LEU A 73 -11.76 -23.51 -2.50
N GLU A 74 -10.90 -23.15 -3.45
CA GLU A 74 -10.94 -23.65 -4.84
C GLU A 74 -10.22 -25.01 -4.96
N LYS A 75 -9.53 -25.44 -3.91
CA LYS A 75 -8.96 -26.81 -3.78
C LYS A 75 -10.11 -27.78 -3.52
N ILE A 76 -11.15 -27.30 -2.84
CA ILE A 76 -12.39 -28.06 -2.51
C ILE A 76 -13.38 -27.92 -3.69
N ILE A 77 -13.89 -26.72 -3.96
CA ILE A 77 -14.83 -26.46 -5.10
C ILE A 77 -14.16 -25.62 -6.16
N PRO A 78 -13.46 -26.23 -7.16
CA PRO A 78 -12.81 -25.45 -8.22
C PRO A 78 -13.90 -24.66 -8.92
N LEU A 79 -13.62 -23.43 -9.35
CA LEU A 79 -14.58 -22.64 -10.16
C LEU A 79 -14.03 -22.57 -11.59
N LYS A 80 -14.94 -22.56 -12.58
CA LYS A 80 -14.63 -22.35 -14.02
C LYS A 80 -14.75 -20.85 -14.29
N PRO A 81 -13.67 -20.15 -14.75
CA PRO A 81 -13.67 -18.69 -14.84
C PRO A 81 -14.81 -18.12 -15.70
N TYR A 82 -15.96 -17.80 -15.07
CA TYR A 82 -17.24 -17.40 -15.73
C TYR A 82 -16.97 -16.62 -17.03
N ILE A 83 -17.44 -17.16 -18.16
CA ILE A 83 -17.46 -16.51 -19.50
C ILE A 83 -18.91 -16.20 -19.86
N ASN A 84 -19.19 -14.92 -20.12
CA ASN A 84 -20.54 -14.36 -20.43
C ASN A 84 -21.26 -15.28 -21.41
N PRO A 85 -22.35 -15.98 -20.99
CA PRO A 85 -23.12 -16.85 -21.90
C PRO A 85 -23.43 -16.23 -23.28
N LYS A 86 -23.37 -14.90 -23.38
CA LYS A 86 -23.55 -14.09 -24.62
C LYS A 86 -22.47 -14.40 -25.66
N TYR A 87 -21.21 -14.56 -25.24
CA TYR A 87 -20.05 -14.78 -26.13
C TYR A 87 -19.52 -16.21 -25.99
N ALA A 88 -20.28 -17.13 -25.38
CA ALA A 88 -19.80 -18.49 -25.04
C ALA A 88 -19.27 -19.17 -26.31
N LYS A 89 -19.96 -18.99 -27.44
CA LYS A 89 -19.68 -19.70 -28.70
C LYS A 89 -18.35 -19.18 -29.26
N CYS A 90 -18.03 -17.92 -28.97
CA CYS A 90 -16.80 -17.22 -29.43
C CYS A 90 -15.55 -17.91 -28.88
N TYR A 91 -15.67 -18.64 -27.76
CA TYR A 91 -14.54 -19.34 -27.08
C TYR A 91 -14.49 -20.84 -27.49
N THR A 92 -15.22 -21.29 -28.51
CA THR A 92 -15.05 -22.63 -29.13
C THR A 92 -14.05 -22.57 -30.28
N TYR A 93 -13.67 -21.36 -30.73
CA TYR A 93 -12.72 -21.16 -31.86
C TYR A 93 -11.30 -21.06 -31.29
N THR A 94 -10.32 -21.39 -32.12
CA THR A 94 -8.89 -21.24 -31.82
C THR A 94 -8.28 -20.43 -32.96
N ALA A 95 -6.99 -20.16 -32.91
CA ALA A 95 -6.22 -19.48 -33.98
C ALA A 95 -6.31 -20.23 -35.31
N ASN A 96 -6.56 -21.53 -35.30
CA ASN A 96 -6.72 -22.35 -36.53
C ASN A 96 -8.09 -22.13 -37.18
N THR A 97 -9.11 -21.76 -36.41
CA THR A 97 -10.52 -21.71 -36.91
C THR A 97 -11.14 -20.31 -36.73
N ILE A 98 -10.40 -19.27 -36.32
CA ILE A 98 -11.02 -17.94 -36.02
C ILE A 98 -11.63 -17.31 -37.28
N LEU A 99 -11.09 -17.59 -38.49
CA LEU A 99 -11.66 -17.06 -39.76
C LEU A 99 -13.05 -17.68 -40.06
N ASP A 100 -13.44 -18.81 -39.44
CA ASP A 100 -14.79 -19.43 -39.59
C ASP A 100 -15.78 -18.77 -38.62
N ALA A 101 -15.34 -17.90 -37.71
CA ALA A 101 -16.22 -17.22 -36.73
C ALA A 101 -16.89 -16.00 -37.37
N ASN A 102 -18.11 -15.70 -36.91
CA ASN A 102 -18.83 -14.44 -37.22
C ASN A 102 -17.94 -13.28 -36.77
N LEU A 103 -18.30 -12.04 -37.12
CA LEU A 103 -17.47 -10.83 -36.90
C LEU A 103 -17.47 -10.44 -35.41
N THR A 104 -18.60 -10.56 -34.71
CA THR A 104 -18.68 -10.24 -33.27
C THR A 104 -17.67 -11.13 -32.54
N CYS A 105 -17.67 -12.43 -32.83
CA CYS A 105 -16.74 -13.43 -32.23
C CYS A 105 -15.29 -13.04 -32.52
N GLN A 106 -14.97 -12.74 -33.78
CA GLN A 106 -13.62 -12.31 -34.20
C GLN A 106 -13.18 -11.14 -33.32
N SER A 107 -14.04 -10.15 -33.09
CA SER A 107 -13.62 -8.90 -32.40
C SER A 107 -13.42 -9.18 -30.90
N VAL A 108 -14.27 -9.99 -30.30
CA VAL A 108 -14.15 -10.41 -28.88
C VAL A 108 -12.78 -11.09 -28.65
N ARG A 109 -12.46 -12.14 -29.40
CA ARG A 109 -11.20 -12.90 -29.24
C ARG A 109 -9.99 -11.98 -29.43
N LEU A 110 -10.10 -10.98 -30.29
CA LEU A 110 -9.00 -10.03 -30.59
C LEU A 110 -8.76 -9.06 -29.42
N ASN A 111 -9.56 -9.10 -28.35
CA ASN A 111 -9.28 -8.32 -27.10
C ASN A 111 -7.99 -8.78 -26.44
N SER A 112 -7.56 -10.03 -26.67
CA SER A 112 -6.36 -10.64 -26.03
C SER A 112 -5.14 -10.54 -26.96
N LEU A 113 -4.08 -9.87 -26.51
CA LEU A 113 -2.82 -9.74 -27.29
C LEU A 113 -2.15 -11.12 -27.42
N VAL A 114 -2.24 -11.95 -26.40
CA VAL A 114 -1.79 -13.37 -26.47
C VAL A 114 -2.45 -14.07 -27.67
N PHE A 115 -3.78 -13.96 -27.77
CA PHE A 115 -4.51 -14.58 -28.91
C PHE A 115 -3.93 -14.06 -30.21
N ILE A 116 -3.76 -12.74 -30.34
CA ILE A 116 -3.18 -12.07 -31.54
C ILE A 116 -1.78 -12.64 -31.80
N ALA A 117 -0.90 -12.65 -30.80
CA ALA A 117 0.45 -13.25 -30.89
C ALA A 117 0.38 -14.68 -31.44
N SER A 118 -0.65 -15.46 -31.10
CA SER A 118 -0.81 -16.89 -31.48
C SER A 118 -1.20 -17.08 -32.96
N LEU A 119 -1.83 -16.09 -33.60
CA LEU A 119 -2.33 -16.25 -35.00
C LEU A 119 -1.14 -16.29 -35.94
N ASN A 120 -1.32 -16.88 -37.13
CA ASN A 120 -0.29 -16.79 -38.19
C ASN A 120 -0.45 -15.41 -38.89
N SER A 121 0.64 -14.97 -39.52
CA SER A 121 0.75 -13.63 -40.14
C SER A 121 -0.33 -13.45 -41.21
N LYS A 122 -0.54 -14.43 -42.08
CA LYS A 122 -1.53 -14.33 -43.19
C LYS A 122 -2.88 -13.95 -42.58
N ASP A 123 -3.27 -14.58 -41.48
CA ASP A 123 -4.60 -14.37 -40.84
C ASP A 123 -4.61 -13.01 -40.14
N ARG A 124 -3.46 -12.53 -39.67
CA ARG A 124 -3.37 -11.18 -39.04
C ARG A 124 -3.64 -10.14 -40.14
N THR A 125 -3.02 -10.29 -41.31
CA THR A 125 -3.18 -9.39 -42.49
C THR A 125 -4.68 -9.29 -42.86
N THR A 126 -5.34 -10.45 -43.00
CA THR A 126 -6.78 -10.60 -43.35
C THR A 126 -7.64 -9.85 -42.34
N LEU A 127 -7.51 -10.19 -41.07
CA LEU A 127 -8.32 -9.59 -39.98
C LEU A 127 -8.03 -8.08 -39.88
N ALA A 128 -6.80 -7.65 -40.16
CA ALA A 128 -6.43 -6.21 -40.17
C ALA A 128 -7.27 -5.48 -41.23
N GLN A 129 -7.47 -6.07 -42.41
CA GLN A 129 -8.31 -5.47 -43.47
C GLN A 129 -9.77 -5.47 -43.03
N THR A 130 -10.24 -6.54 -42.41
CA THR A 130 -11.66 -6.65 -41.97
C THR A 130 -11.99 -5.48 -41.04
N PHE A 131 -11.05 -5.11 -40.17
CA PHE A 131 -11.32 -4.21 -39.02
C PHE A 131 -10.76 -2.80 -39.27
N LYS A 132 -10.13 -2.48 -40.41
CA LYS A 132 -9.48 -1.14 -40.59
C LYS A 132 -10.50 -0.02 -40.35
N ASN A 133 -11.73 -0.19 -40.85
CA ASN A 133 -12.78 0.86 -40.83
C ASN A 133 -13.37 1.03 -39.43
N GLN A 134 -13.99 0.02 -38.83
CA GLN A 134 -14.74 0.21 -37.55
C GLN A 134 -13.82 0.02 -36.33
N ARG A 135 -12.68 -0.68 -36.44
CA ARG A 135 -11.77 -0.95 -35.28
C ARG A 135 -10.31 -0.82 -35.67
N PRO A 136 -9.80 0.40 -35.96
CA PRO A 136 -8.39 0.56 -36.29
C PRO A 136 -7.49 0.20 -35.09
N ASP A 137 -7.98 0.26 -33.85
CA ASP A 137 -7.21 -0.24 -32.68
C ASP A 137 -6.76 -1.68 -32.99
N LEU A 138 -7.66 -2.51 -33.51
CA LEU A 138 -7.39 -3.94 -33.74
C LEU A 138 -6.44 -4.06 -34.92
N THR A 139 -6.73 -3.38 -36.04
CA THR A 139 -5.86 -3.36 -37.24
C THR A 139 -4.42 -3.02 -36.82
N ASN A 140 -4.24 -1.99 -35.99
CA ASN A 140 -2.92 -1.53 -35.53
C ASN A 140 -2.20 -2.66 -34.79
N LEU A 141 -2.92 -3.39 -33.90
CA LEU A 141 -2.29 -4.44 -33.07
C LEU A 141 -2.00 -5.66 -33.96
N LEU A 142 -2.90 -5.99 -34.87
CA LEU A 142 -2.71 -7.14 -35.78
C LEU A 142 -1.48 -6.87 -36.64
N LEU A 143 -1.38 -5.70 -37.25
CA LEU A 143 -0.25 -5.44 -38.17
C LEU A 143 1.04 -5.31 -37.36
N ALA A 144 0.96 -4.92 -36.08
CA ALA A 144 2.14 -4.71 -35.21
C ALA A 144 2.80 -6.06 -34.92
N PHE A 145 1.98 -7.09 -34.61
CA PHE A 145 2.46 -8.47 -34.35
C PHE A 145 2.95 -9.17 -35.63
N ASN A 146 2.78 -8.56 -36.81
CA ASN A 146 3.39 -9.08 -38.06
C ASN A 146 4.80 -8.53 -38.20
N THR A 147 5.29 -7.74 -37.24
CA THR A 147 6.69 -7.23 -37.20
C THR A 147 7.43 -7.85 -36.01
N SER A 148 8.74 -7.67 -35.94
CA SER A 148 9.58 -8.22 -34.85
C SER A 148 9.65 -7.27 -33.65
N ASP A 149 9.08 -6.05 -33.73
CA ASP A 149 8.96 -5.09 -32.60
C ASP A 149 7.58 -4.46 -32.64
N PRO A 150 6.56 -5.12 -32.08
CA PRO A 150 5.20 -4.57 -32.06
C PRO A 150 5.13 -3.18 -31.42
N MET A 151 5.98 -2.89 -30.44
CA MET A 151 5.93 -1.61 -29.68
C MET A 151 6.31 -0.44 -30.59
N SER A 152 7.34 -0.62 -31.39
CA SER A 152 7.85 0.37 -32.39
C SER A 152 6.75 0.72 -33.40
N TYR A 153 5.93 -0.25 -33.82
CA TYR A 153 4.82 -0.02 -34.77
C TYR A 153 3.74 0.80 -34.07
N ILE A 154 3.35 0.41 -32.86
CA ILE A 154 2.25 1.09 -32.12
C ILE A 154 2.68 2.51 -31.81
N VAL A 155 3.94 2.69 -31.42
CA VAL A 155 4.55 4.02 -31.09
C VAL A 155 4.52 4.93 -32.32
N GLN A 156 4.77 4.38 -33.50
CA GLN A 156 4.81 5.14 -34.78
C GLN A 156 3.38 5.59 -35.09
N LYS A 157 2.37 4.79 -34.78
CA LYS A 157 0.94 5.16 -35.00
C LYS A 157 0.43 6.12 -33.92
N GLU A 158 1.24 6.38 -32.89
CA GLU A 158 0.83 7.15 -31.68
C GLU A 158 -0.53 6.63 -31.20
N ASP A 159 -0.72 5.30 -31.16
CA ASP A 159 -1.92 4.64 -30.60
C ASP A 159 -1.72 4.42 -29.10
N ILE A 160 -2.40 5.19 -28.27
CA ILE A 160 -2.21 5.22 -26.79
C ILE A 160 -2.84 3.97 -26.16
N ASN A 161 -4.05 3.60 -26.56
CA ASN A 161 -4.72 2.39 -26.03
C ASN A 161 -3.83 1.19 -26.32
N GLY A 162 -3.29 1.11 -27.54
CA GLY A 162 -2.41 0.02 -27.98
C GLY A 162 -1.14 -0.02 -27.14
N PHE A 163 -0.60 1.14 -26.81
CA PHE A 163 0.65 1.24 -26.04
C PHE A 163 0.47 0.51 -24.71
N PHE A 164 -0.58 0.85 -23.97
CA PHE A 164 -0.85 0.31 -22.61
C PHE A 164 -1.21 -1.17 -22.69
N LYS A 165 -1.91 -1.59 -23.75
CA LYS A 165 -2.30 -3.02 -23.97
C LYS A 165 -1.01 -3.83 -24.17
N LEU A 166 -0.06 -3.30 -24.95
CA LEU A 166 1.28 -3.94 -25.16
C LEU A 166 2.09 -3.93 -23.85
N TYR A 167 2.22 -2.78 -23.19
CA TYR A 167 2.94 -2.69 -21.89
C TYR A 167 2.39 -3.78 -20.95
N ASN A 168 1.08 -3.93 -20.86
CA ASN A 168 0.43 -4.87 -19.91
C ASN A 168 0.67 -6.30 -20.40
N TYR A 169 0.79 -6.51 -21.70
CA TYR A 169 1.10 -7.85 -22.28
C TYR A 169 2.57 -8.21 -21.97
N SER A 170 3.51 -7.27 -22.14
CA SER A 170 4.94 -7.51 -21.82
C SER A 170 5.61 -6.21 -21.36
N LYS A 171 6.24 -6.28 -20.20
CA LYS A 171 7.09 -5.23 -19.60
C LYS A 171 8.39 -5.04 -20.39
N LYS A 172 8.79 -6.02 -21.21
CA LYS A 172 10.17 -6.10 -21.80
C LYS A 172 10.35 -5.10 -22.95
N TYR A 173 9.27 -4.78 -23.69
CA TYR A 173 9.28 -3.74 -24.74
C TYR A 173 9.81 -2.45 -24.11
N ASP A 174 10.75 -1.84 -24.80
CA ASP A 174 11.38 -0.55 -24.40
C ASP A 174 11.86 0.16 -25.66
N LEU A 175 11.49 1.41 -25.77
CA LEU A 175 11.74 2.24 -26.97
C LEU A 175 11.76 3.69 -26.51
N ASP A 176 12.51 4.55 -27.19
CA ASP A 176 12.43 6.00 -26.94
C ASP A 176 11.08 6.49 -27.51
N LEU A 177 10.46 7.43 -26.79
CA LEU A 177 9.15 8.08 -27.11
C LEU A 177 9.43 9.57 -27.27
N ASN A 178 8.85 10.19 -28.27
CA ASN A 178 9.11 11.61 -28.57
C ASN A 178 8.15 12.46 -27.76
N THR A 179 8.28 13.77 -27.84
CA THR A 179 7.62 14.71 -26.91
C THR A 179 6.13 14.63 -27.14
N SER A 180 5.71 14.65 -28.39
CA SER A 180 4.27 14.56 -28.74
C SER A 180 3.65 13.30 -28.09
N LEU A 181 4.31 12.15 -28.16
CA LEU A 181 3.73 10.86 -27.68
C LEU A 181 3.73 10.81 -26.14
N VAL A 182 4.83 11.18 -25.47
CA VAL A 182 4.86 11.09 -23.99
C VAL A 182 3.76 11.99 -23.40
N ASN A 183 3.45 13.11 -24.02
CA ASN A 183 2.48 14.08 -23.45
C ASN A 183 1.03 13.60 -23.60
N LYS A 184 0.80 12.56 -24.42
CA LYS A 184 -0.50 11.87 -24.55
C LYS A 184 -0.68 10.76 -23.50
N LEU A 185 0.39 10.18 -22.98
CA LEU A 185 0.30 8.99 -22.08
C LEU A 185 -0.51 9.33 -20.82
N PRO A 186 -0.34 10.52 -20.18
CA PRO A 186 -1.01 10.82 -18.92
C PRO A 186 -2.52 10.97 -19.01
N ASN A 187 -3.07 11.12 -20.20
CA ASN A 187 -4.55 11.20 -20.37
C ASN A 187 -5.16 9.79 -20.18
N HIS A 188 -4.38 8.70 -20.09
CA HIS A 188 -4.89 7.29 -20.01
C HIS A 188 -4.84 6.77 -18.56
N ILE A 189 -5.81 5.94 -18.16
CA ILE A 189 -5.93 5.38 -16.76
C ILE A 189 -4.65 4.62 -16.35
N GLY A 190 -4.02 3.88 -17.28
CA GLY A 190 -2.82 3.05 -17.02
C GLY A 190 -1.59 3.88 -16.64
N PHE A 191 -1.59 5.17 -16.96
CA PHE A 191 -0.34 5.96 -16.91
C PHE A 191 0.24 5.91 -15.48
N LYS A 192 -0.59 6.11 -14.46
CA LYS A 192 -0.10 6.27 -13.07
C LYS A 192 0.73 5.04 -12.67
N ASP A 193 0.16 3.83 -12.82
CA ASP A 193 0.81 2.54 -12.44
C ASP A 193 2.06 2.32 -13.32
N PHE A 194 1.96 2.65 -14.60
CA PHE A 194 3.06 2.53 -15.57
C PHE A 194 4.26 3.37 -15.13
N ALA A 195 4.00 4.64 -14.84
CA ALA A 195 5.04 5.59 -14.38
C ALA A 195 5.59 5.12 -13.03
N GLN A 196 4.71 4.78 -12.09
CA GLN A 196 5.17 4.38 -10.74
C GLN A 196 6.11 3.18 -10.91
N ASN A 197 5.68 2.14 -11.62
CA ASN A 197 6.39 0.84 -11.73
C ASN A 197 7.74 0.99 -12.41
N ILE A 198 7.82 1.61 -13.61
CA ILE A 198 9.13 1.66 -14.30
C ILE A 198 10.09 2.54 -13.49
N ILE A 199 9.62 3.58 -12.79
CA ILE A 199 10.54 4.53 -12.08
C ILE A 199 11.10 3.85 -10.81
N ILE A 200 10.23 3.25 -10.02
CA ILE A 200 10.60 2.57 -8.76
C ILE A 200 11.35 1.27 -9.07
N LYS A 201 10.93 0.47 -10.03
CA LYS A 201 11.61 -0.82 -10.37
C LYS A 201 12.91 -0.57 -11.17
N LYS A 202 13.14 0.64 -11.68
CA LYS A 202 14.30 1.02 -12.54
C LYS A 202 14.39 0.12 -13.78
N GLU A 203 13.26 -0.14 -14.43
CA GLU A 203 13.14 -0.90 -15.70
C GLU A 203 12.86 0.09 -16.84
N ASN A 204 12.91 -0.37 -18.08
CA ASN A 204 12.48 0.41 -19.26
C ASN A 204 13.21 1.76 -19.31
N PRO A 205 14.56 1.75 -19.35
CA PRO A 205 15.33 2.99 -19.35
C PRO A 205 14.95 4.00 -20.44
N LYS A 206 14.53 3.53 -21.60
CA LYS A 206 14.20 4.42 -22.75
C LYS A 206 12.86 5.10 -22.47
N PHE A 207 11.91 4.35 -21.95
CA PHE A 207 10.65 4.95 -21.45
C PHE A 207 11.02 5.99 -20.38
N ARG A 208 11.88 5.63 -19.42
CA ARG A 208 12.17 6.51 -18.25
C ARG A 208 12.75 7.83 -18.76
N HIS A 209 13.81 7.76 -19.57
CA HIS A 209 14.46 8.95 -20.16
C HIS A 209 13.43 9.80 -20.93
N SER A 210 12.57 9.18 -21.72
CA SER A 210 11.57 9.87 -22.57
C SER A 210 10.66 10.73 -21.70
N MET A 211 10.39 10.29 -20.46
CA MET A 211 9.33 10.90 -19.60
C MET A 211 9.87 12.21 -18.96
N LEU A 212 11.14 12.51 -19.18
CA LEU A 212 11.73 13.83 -18.89
C LEU A 212 11.01 14.93 -19.68
N GLU A 213 10.41 14.62 -20.83
CA GLU A 213 9.83 15.64 -21.74
C GLU A 213 8.32 15.75 -21.50
N ILE A 214 7.78 15.08 -20.50
CA ILE A 214 6.37 15.32 -20.08
C ILE A 214 6.29 16.72 -19.48
N ASN A 215 5.43 17.53 -20.09
CA ASN A 215 5.04 18.87 -19.58
C ASN A 215 4.39 18.69 -18.22
N PRO A 216 4.93 19.32 -17.17
CA PRO A 216 4.28 19.26 -15.85
C PRO A 216 2.81 19.69 -15.92
N GLU A 217 2.44 20.47 -16.93
CA GLU A 217 1.03 20.87 -17.16
C GLU A 217 0.14 19.67 -17.46
N ASN A 218 0.67 18.57 -17.99
CA ASN A 218 -0.21 17.46 -18.46
C ASN A 218 -0.32 16.41 -17.35
N VAL A 219 0.32 16.61 -16.20
CA VAL A 219 0.29 15.63 -15.08
C VAL A 219 -0.09 16.31 -13.77
N SER A 220 -0.40 15.49 -12.76
CA SER A 220 -0.76 15.97 -11.40
C SER A 220 -0.59 14.87 -10.35
N GLU A 221 -0.58 15.26 -9.08
CA GLU A 221 -0.72 14.32 -7.93
C GLU A 221 0.45 13.34 -8.00
N ASP A 222 0.22 12.05 -7.80
CA ASP A 222 1.23 10.97 -7.73
C ASP A 222 2.09 10.92 -9.00
N SER A 223 1.46 11.04 -10.16
CA SER A 223 2.18 10.98 -11.45
C SER A 223 3.17 12.14 -11.54
N ALA A 224 2.76 13.36 -11.19
CA ALA A 224 3.67 14.51 -11.12
C ALA A 224 4.83 14.19 -10.14
N PHE A 225 4.53 13.69 -8.96
CA PHE A 225 5.56 13.41 -7.93
C PHE A 225 6.60 12.40 -8.47
N TYR A 226 6.15 11.28 -9.04
CA TYR A 226 7.07 10.20 -9.48
C TYR A 226 7.94 10.70 -10.65
N LEU A 227 7.41 11.61 -11.46
CA LEU A 227 8.13 12.27 -12.59
C LEU A 227 9.18 13.22 -12.05
N GLY A 228 8.93 13.85 -10.89
CA GLY A 228 9.94 14.60 -10.15
C GLY A 228 11.07 13.66 -9.73
N VAL A 229 10.74 12.51 -9.13
CA VAL A 229 11.76 11.53 -8.65
C VAL A 229 12.55 11.07 -9.88
N ASN A 230 11.86 10.75 -10.98
CA ASN A 230 12.48 10.37 -12.26
C ASN A 230 13.51 11.43 -12.65
N ALA A 231 13.09 12.71 -12.70
CA ALA A 231 13.98 13.80 -13.13
C ALA A 231 15.22 13.83 -12.22
N LEU A 232 15.09 13.60 -10.92
CA LEU A 232 16.28 13.60 -10.02
C LEU A 232 17.24 12.45 -10.39
N THR A 233 16.74 11.25 -10.72
CA THR A 233 17.62 10.10 -11.10
C THR A 233 18.50 10.42 -12.32
N TYR A 234 18.13 11.41 -13.15
CA TYR A 234 18.94 11.89 -14.30
C TYR A 234 19.60 13.25 -14.01
N ASP A 235 19.62 13.68 -12.74
CA ASP A 235 20.15 15.01 -12.27
C ASP A 235 19.58 16.18 -13.11
N LYS A 236 18.29 16.14 -13.47
CA LYS A 236 17.58 17.25 -14.13
C LYS A 236 16.79 18.02 -13.05
N THR A 237 17.47 18.85 -12.26
CA THR A 237 16.91 19.47 -11.02
C THR A 237 15.84 20.51 -11.39
N GLU A 238 15.97 21.24 -12.49
CA GLU A 238 14.93 22.21 -12.96
C GLU A 238 13.62 21.46 -13.26
N LEU A 239 13.70 20.39 -14.04
CA LEU A 239 12.50 19.58 -14.39
C LEU A 239 11.93 18.96 -13.11
N ALA A 240 12.76 18.51 -12.20
CA ALA A 240 12.27 17.85 -10.98
C ALA A 240 11.43 18.87 -10.20
N TYR A 241 11.96 20.08 -10.01
CA TYR A 241 11.31 21.14 -9.22
C TYR A 241 9.91 21.40 -9.80
N ASP A 242 9.83 21.48 -11.12
CA ASP A 242 8.59 21.86 -11.84
C ASP A 242 7.56 20.77 -11.58
N PHE A 243 8.01 19.51 -11.56
CA PHE A 243 7.12 18.33 -11.36
C PHE A 243 6.66 18.32 -9.91
N PHE A 244 7.57 18.53 -8.97
CA PHE A 244 7.22 18.49 -7.53
C PHE A 244 6.28 19.66 -7.24
N LYS A 245 6.51 20.82 -7.85
CA LYS A 245 5.65 22.01 -7.65
C LYS A 245 4.23 21.66 -8.12
N LYS A 246 4.11 21.07 -9.31
CA LYS A 246 2.80 20.63 -9.83
C LYS A 246 2.19 19.56 -8.89
N ALA A 247 3.01 18.66 -8.34
CA ALA A 247 2.54 17.69 -7.32
C ALA A 247 1.97 18.43 -6.11
N ALA A 248 2.67 19.46 -5.62
CA ALA A 248 2.32 20.25 -4.40
C ALA A 248 1.00 20.97 -4.59
N GLN A 249 0.75 21.59 -5.75
CA GLN A 249 -0.51 22.29 -6.06
C GLN A 249 -1.70 21.31 -6.20
N SER A 250 -1.51 20.10 -6.72
CA SER A 250 -2.62 19.22 -7.18
C SER A 250 -3.04 18.16 -6.14
N PHE A 251 -2.11 17.71 -5.29
CA PHE A 251 -2.28 16.59 -4.31
C PHE A 251 -3.49 16.90 -3.42
N LYS A 252 -4.42 15.94 -3.23
CA LYS A 252 -5.58 16.08 -2.30
C LYS A 252 -5.08 16.25 -0.85
N SER A 253 -4.21 15.34 -0.39
CA SER A 253 -3.84 15.18 1.03
C SER A 253 -2.64 16.07 1.37
N GLN A 254 -2.67 16.67 2.55
CA GLN A 254 -1.69 17.68 3.03
C GLN A 254 -0.36 16.95 3.26
N SER A 255 -0.41 15.72 3.73
CA SER A 255 0.79 14.87 3.94
C SER A 255 1.59 14.76 2.63
N ASN A 256 0.92 14.54 1.52
CA ASN A 256 1.57 14.37 0.19
C ASN A 256 2.03 15.74 -0.32
N LYS A 257 1.25 16.82 -0.14
CA LYS A 257 1.73 18.20 -0.50
C LYS A 257 3.06 18.46 0.20
N ASP A 258 3.14 18.16 1.50
CA ASP A 258 4.35 18.38 2.34
C ASP A 258 5.54 17.64 1.75
N ASN A 259 5.33 16.40 1.32
CA ASN A 259 6.39 15.56 0.71
C ASN A 259 6.90 16.29 -0.54
N ALA A 260 5.99 16.81 -1.38
CA ALA A 260 6.30 17.51 -2.64
C ALA A 260 7.01 18.84 -2.35
N ILE A 261 6.49 19.64 -1.41
CA ILE A 261 7.10 20.93 -0.96
C ILE A 261 8.50 20.66 -0.39
N PHE A 262 8.70 19.56 0.35
CA PHE A 262 10.05 19.22 0.87
C PHE A 262 11.04 19.13 -0.29
N TRP A 263 10.63 18.50 -1.40
CA TRP A 263 11.51 18.32 -2.58
C TRP A 263 11.75 19.67 -3.27
N MET A 264 10.73 20.51 -3.42
CA MET A 264 10.92 21.90 -3.94
C MET A 264 12.00 22.57 -3.10
N TRP A 265 11.90 22.44 -1.78
CA TRP A 265 12.89 23.07 -0.88
C TRP A 265 14.29 22.47 -1.09
N LEU A 266 14.42 21.15 -1.05
CA LEU A 266 15.73 20.48 -1.13
C LEU A 266 16.44 20.80 -2.45
N ILE A 267 15.70 20.97 -3.54
CA ILE A 267 16.24 21.29 -4.90
C ILE A 267 16.57 22.79 -5.03
N LYS A 268 15.66 23.70 -4.70
CA LYS A 268 15.83 25.13 -5.09
C LYS A 268 16.05 26.05 -3.89
N ASN A 269 15.81 25.59 -2.65
CA ASN A 269 16.17 26.30 -1.38
C ASN A 269 15.42 27.63 -1.19
N ASN A 270 14.26 27.80 -1.81
CA ASN A 270 13.41 28.97 -1.52
C ASN A 270 12.96 28.80 -0.06
N GLU A 271 13.28 29.77 0.80
CA GLU A 271 12.98 29.70 2.25
C GLU A 271 11.46 29.81 2.47
N GLU A 272 10.70 30.34 1.51
CA GLU A 272 9.21 30.37 1.57
C GLU A 272 8.64 28.94 1.53
N ASP A 273 9.23 28.03 0.76
CA ASP A 273 8.79 26.60 0.74
C ASP A 273 9.01 25.98 2.10
N LEU A 274 10.13 26.27 2.73
CA LEU A 274 10.42 25.63 4.03
C LEU A 274 9.48 26.21 5.09
N LYS A 275 9.21 27.51 5.05
CA LYS A 275 8.26 28.14 6.00
C LYS A 275 6.90 27.47 5.84
N THR A 276 6.37 27.38 4.62
CA THR A 276 5.03 26.79 4.35
C THR A 276 4.98 25.36 4.91
N LEU A 277 6.06 24.59 4.77
CA LEU A 277 6.17 23.20 5.29
C LEU A 277 6.19 23.19 6.83
N SER A 278 6.86 24.14 7.48
CA SER A 278 6.97 24.17 8.96
C SER A 278 5.62 24.54 9.57
N GLN A 279 4.73 25.15 8.80
CA GLN A 279 3.41 25.63 9.28
C GLN A 279 2.31 24.64 8.89
N SER A 280 2.65 23.45 8.40
CA SER A 280 1.67 22.46 7.88
C SER A 280 0.81 21.90 9.02
N SER A 281 -0.48 21.77 8.77
CA SER A 281 -1.46 21.10 9.68
C SER A 281 -1.19 19.58 9.73
N SER A 282 -0.51 18.99 8.75
CA SER A 282 -0.11 17.56 8.77
C SER A 282 1.19 17.39 9.55
N LEU A 283 1.17 16.43 10.48
CA LEU A 283 2.32 15.93 11.25
C LEU A 283 2.90 14.70 10.53
N ASN A 284 4.07 14.89 9.93
CA ASN A 284 4.77 13.89 9.07
C ASN A 284 6.24 14.28 9.10
N ILE A 285 7.11 13.41 8.62
CA ILE A 285 8.58 13.58 8.80
C ILE A 285 9.07 14.86 8.13
N TYR A 286 8.37 15.33 7.09
CA TYR A 286 8.78 16.52 6.30
C TYR A 286 8.43 17.78 7.09
N SER A 287 7.22 17.88 7.62
CA SER A 287 6.80 19.02 8.48
C SER A 287 7.61 19.01 9.79
N LEU A 288 7.83 17.85 10.41
CA LEU A 288 8.65 17.75 11.65
C LEU A 288 10.06 18.25 11.37
N TYR A 289 10.65 17.85 10.24
CA TYR A 289 12.03 18.21 9.86
C TYR A 289 12.11 19.71 9.63
N ALA A 290 11.15 20.28 8.89
CA ALA A 290 11.07 21.72 8.58
C ALA A 290 10.96 22.55 9.87
N LYS A 291 10.21 22.04 10.86
CA LYS A 291 9.97 22.76 12.13
C LYS A 291 11.31 22.82 12.87
N GLU A 292 12.07 21.74 12.81
CA GLU A 292 13.35 21.59 13.51
C GLU A 292 14.38 22.50 12.83
N LEU A 293 14.37 22.65 11.51
CA LEU A 293 15.31 23.53 10.79
C LEU A 293 15.02 25.01 11.07
N THR A 294 13.77 25.39 11.38
CA THR A 294 13.36 26.80 11.55
C THR A 294 13.20 27.13 13.04
N ASN A 295 13.71 26.26 13.92
CA ASN A 295 13.50 26.40 15.38
C ASN A 295 12.01 26.69 15.68
N THR A 296 11.08 26.09 14.93
CA THR A 296 9.62 26.14 15.23
C THR A 296 9.30 25.12 16.32
N PRO A 297 8.43 25.44 17.31
CA PRO A 297 8.11 24.51 18.38
C PRO A 297 7.46 23.21 17.87
N PHE A 298 7.68 22.13 18.61
CA PHE A 298 7.03 20.82 18.40
C PHE A 298 5.51 21.04 18.32
N PRO A 299 4.80 20.34 17.41
CA PRO A 299 3.35 20.49 17.32
C PRO A 299 2.60 20.01 18.58
N LYS A 300 1.40 20.53 18.79
CA LYS A 300 0.51 20.20 19.93
C LYS A 300 0.01 18.76 19.78
N ILE A 301 0.25 17.94 20.80
CA ILE A 301 -0.29 16.57 20.96
C ILE A 301 -1.43 16.55 21.98
N GLU A 302 -2.62 16.15 21.52
CA GLU A 302 -3.82 15.96 22.36
C GLU A 302 -3.48 15.03 23.53
N SER A 303 -4.06 15.39 24.68
CA SER A 303 -4.07 14.55 25.90
C SER A 303 -5.48 13.97 26.06
N LEU A 304 -5.54 12.65 25.93
CA LEU A 304 -6.77 11.84 26.12
C LEU A 304 -6.58 11.09 27.43
N ASN A 305 -7.35 11.48 28.44
CA ASN A 305 -7.32 10.80 29.76
C ASN A 305 -8.76 10.66 30.27
N PRO A 306 -9.53 9.65 29.84
CA PRO A 306 -10.89 9.47 30.32
C PRO A 306 -10.90 9.08 31.80
N SER A 307 -11.84 9.63 32.59
CA SER A 307 -12.05 9.29 34.03
C SER A 307 -12.71 7.92 34.18
N LYS A 308 -13.72 7.61 33.36
CA LYS A 308 -14.46 6.31 33.42
C LYS A 308 -13.49 5.16 33.13
N LYS A 309 -13.66 4.02 33.80
CA LYS A 309 -12.68 2.90 33.83
C LYS A 309 -12.89 2.00 32.62
N LYS A 310 -14.11 1.47 32.43
CA LYS A 310 -14.47 0.47 31.38
C LYS A 310 -15.91 0.71 30.93
N ASN A 311 -16.41 -0.08 29.97
CA ASN A 311 -17.87 -0.14 29.64
C ASN A 311 -18.24 -1.55 29.21
N ASN A 312 -19.45 -1.72 28.67
CA ASN A 312 -20.06 -3.05 28.36
C ASN A 312 -19.39 -3.67 27.13
N PHE A 313 -18.52 -2.93 26.42
CA PHE A 313 -17.90 -3.37 25.14
C PHE A 313 -16.75 -4.34 25.43
N ASN A 314 -16.74 -5.47 24.71
CA ASN A 314 -15.67 -6.50 24.74
C ASN A 314 -14.57 -6.15 23.71
N MET A 315 -13.45 -5.65 24.21
CA MET A 315 -12.28 -5.29 23.38
C MET A 315 -11.57 -6.55 22.92
N GLN A 316 -12.05 -7.74 23.31
CA GLN A 316 -11.45 -9.04 22.87
C GLN A 316 -12.37 -9.74 21.88
N ASP A 317 -13.49 -9.13 21.48
CA ASP A 317 -14.44 -9.73 20.49
C ASP A 317 -14.12 -9.17 19.11
N PRO A 318 -13.43 -9.94 18.22
CA PRO A 318 -13.08 -9.43 16.90
C PRO A 318 -14.33 -9.11 16.06
N PHE A 319 -15.44 -9.81 16.33
CA PHE A 319 -16.73 -9.59 15.62
C PHE A 319 -17.31 -8.26 16.05
N ALA A 320 -17.18 -7.95 17.33
CA ALA A 320 -17.71 -6.69 17.92
C ALA A 320 -16.95 -5.52 17.29
N TRP A 321 -15.64 -5.66 17.07
CA TRP A 321 -14.86 -4.57 16.44
C TRP A 321 -15.37 -4.34 15.01
N GLN A 322 -15.53 -5.39 14.21
CA GLN A 322 -15.89 -5.23 12.77
C GLN A 322 -17.25 -4.52 12.69
N LYS A 323 -18.15 -4.78 13.62
CA LYS A 323 -19.51 -4.20 13.61
C LYS A 323 -19.41 -2.69 13.94
N ILE A 324 -18.74 -2.36 15.04
CA ILE A 324 -18.63 -0.98 15.57
C ILE A 324 -17.74 -0.15 14.63
N ASN A 325 -16.77 -0.79 13.96
CA ASN A 325 -15.90 -0.07 13.00
C ASN A 325 -16.79 0.41 11.85
N LYS A 326 -17.62 -0.47 11.32
CA LYS A 326 -18.55 -0.14 10.21
C LYS A 326 -19.49 0.99 10.64
N GLN A 327 -20.06 0.91 11.86
CA GLN A 327 -20.93 1.95 12.47
C GLN A 327 -20.19 3.29 12.45
N ILE A 328 -19.01 3.34 13.05
CA ILE A 328 -18.21 4.59 13.23
C ILE A 328 -17.91 5.24 11.86
N ARG A 329 -17.50 4.44 10.87
CA ARG A 329 -17.08 4.94 9.53
C ARG A 329 -18.29 5.54 8.78
N ASP A 330 -19.52 5.15 9.16
CA ASP A 330 -20.79 5.51 8.48
C ASP A 330 -21.63 6.47 9.35
N ALA A 331 -21.05 7.11 10.35
CA ALA A 331 -21.77 7.96 11.34
C ALA A 331 -21.76 9.43 10.91
N ASN A 332 -22.94 10.05 10.86
CA ASN A 332 -23.08 11.53 10.79
C ASN A 332 -22.48 12.12 12.08
N ALA A 333 -22.05 13.38 12.05
CA ALA A 333 -21.44 14.12 13.18
C ALA A 333 -22.21 13.82 14.48
N SER A 334 -23.53 13.81 14.42
CA SER A 334 -24.42 13.61 15.60
C SER A 334 -24.18 12.24 16.25
N GLN A 335 -24.15 11.18 15.43
CA GLN A 335 -23.90 9.77 15.87
C GLN A 335 -22.47 9.68 16.43
N LEU A 336 -21.48 10.35 15.82
CA LEU A 336 -20.09 10.37 16.37
C LEU A 336 -20.11 10.89 17.82
N ASP A 337 -21.00 11.82 18.19
CA ASP A 337 -20.99 12.44 19.54
C ASP A 337 -21.54 11.42 20.55
N VAL A 338 -22.52 10.60 20.14
CA VAL A 338 -23.12 9.54 21.00
C VAL A 338 -22.07 8.45 21.26
N LEU A 339 -21.31 8.13 20.22
CA LEU A 339 -20.25 7.09 20.19
C LEU A 339 -19.04 7.59 21.00
N ALA A 340 -18.57 8.82 20.76
CA ALA A 340 -17.53 9.51 21.57
C ALA A 340 -17.81 9.33 23.06
N LYS A 341 -19.06 9.49 23.48
CA LYS A 341 -19.45 9.47 24.91
C LYS A 341 -19.48 8.03 25.41
N GLU A 342 -20.00 7.08 24.63
CA GLU A 342 -20.06 5.65 25.05
C GLU A 342 -18.62 5.14 25.26
N PHE A 343 -17.68 5.53 24.40
CA PHE A 343 -16.34 4.90 24.32
C PHE A 343 -15.28 5.74 25.04
N ASP A 344 -15.63 6.94 25.54
CA ASP A 344 -14.76 7.75 26.44
C ASP A 344 -14.50 6.97 27.75
N THR A 345 -13.69 5.90 27.68
CA THR A 345 -13.20 5.10 28.83
C THR A 345 -11.77 4.60 28.59
N GLN A 346 -11.12 4.11 29.63
CA GLN A 346 -9.68 3.70 29.60
C GLN A 346 -9.52 2.35 28.89
N GLU A 347 -10.51 1.47 29.01
CA GLU A 347 -10.41 0.13 28.38
C GLU A 347 -10.71 0.26 26.88
N THR A 348 -11.63 1.17 26.48
CA THR A 348 -11.93 1.48 25.06
C THR A 348 -11.24 2.77 24.59
N LEU A 349 -10.11 3.19 25.17
CA LEU A 349 -9.33 4.37 24.72
C LEU A 349 -9.04 4.28 23.21
N PRO A 350 -8.56 3.12 22.66
CA PRO A 350 -8.17 3.06 21.26
C PRO A 350 -9.36 3.39 20.36
N ILE A 351 -10.57 3.00 20.77
CA ILE A 351 -11.81 3.29 19.96
C ILE A 351 -12.21 4.76 20.14
N TYR A 352 -12.12 5.31 21.35
CA TYR A 352 -12.34 6.76 21.61
C TYR A 352 -11.51 7.55 20.58
N ALA A 353 -10.21 7.31 20.53
CA ALA A 353 -9.30 8.09 19.66
C ALA A 353 -9.67 7.88 18.20
N TYR A 354 -10.12 6.70 17.82
CA TYR A 354 -10.53 6.39 16.43
C TYR A 354 -11.74 7.25 16.08
N ILE A 355 -12.69 7.34 17.01
CA ILE A 355 -13.92 8.18 16.85
C ILE A 355 -13.49 9.66 16.78
N LEU A 356 -12.70 10.16 17.73
CA LEU A 356 -12.26 11.58 17.76
C LEU A 356 -11.49 11.92 16.49
N GLU A 357 -10.70 10.99 15.95
CA GLU A 357 -9.85 11.26 14.76
C GLU A 357 -10.79 11.68 13.62
N ARG A 358 -11.90 10.95 13.46
CA ARG A 358 -12.99 11.21 12.49
C ARG A 358 -13.81 12.46 12.87
N LYS A 359 -14.19 12.60 14.13
CA LYS A 359 -15.04 13.70 14.63
C LYS A 359 -14.36 15.06 14.39
N ASN A 360 -13.04 15.14 14.36
CA ASN A 360 -12.29 16.41 14.17
C ASN A 360 -11.71 16.48 12.77
N ASN A 361 -12.19 15.63 11.85
CA ASN A 361 -11.87 15.63 10.39
C ASN A 361 -10.35 15.56 10.20
N PHE A 362 -9.65 14.82 11.08
CA PHE A 362 -8.21 14.45 11.00
C PHE A 362 -7.32 15.70 11.15
N LYS A 363 -7.79 16.72 11.88
CA LYS A 363 -7.07 18.01 12.09
C LYS A 363 -6.20 17.94 13.35
N LYS A 364 -6.54 17.10 14.33
CA LYS A 364 -5.83 17.05 15.65
C LYS A 364 -4.90 15.82 15.73
N HIS A 365 -3.87 15.91 16.54
CA HIS A 365 -2.80 14.89 16.65
C HIS A 365 -3.05 14.03 17.90
N TYR A 366 -3.41 12.76 17.68
CA TYR A 366 -3.71 11.78 18.75
C TYR A 366 -2.64 10.70 18.75
N PHE A 367 -1.92 10.62 19.87
CA PHE A 367 -0.79 9.67 20.07
C PHE A 367 -0.98 9.02 21.44
N ILE A 368 -1.95 8.12 21.54
CA ILE A 368 -2.34 7.48 22.82
C ILE A 368 -1.30 6.43 23.19
N MET A 369 -1.25 6.06 24.48
CA MET A 369 -0.31 5.04 25.01
C MET A 369 -1.12 4.03 25.81
N PRO A 370 -1.99 3.23 25.16
CA PRO A 370 -2.90 2.34 25.89
C PRO A 370 -2.18 1.07 26.38
N TYR A 371 -2.75 0.41 27.40
CA TYR A 371 -2.19 -0.79 28.08
C TYR A 371 -0.71 -0.55 28.39
N TYR A 372 -0.38 0.66 28.89
CA TYR A 372 0.99 1.19 29.07
C TYR A 372 1.77 0.34 30.07
N ASP A 373 1.08 -0.23 31.06
CA ASP A 373 1.70 -1.07 32.11
C ASP A 373 2.57 -2.14 31.45
N ASN A 374 2.13 -2.71 30.33
CA ASN A 374 2.84 -3.85 29.68
C ASN A 374 4.17 -3.39 29.08
N ILE A 375 4.44 -2.08 28.92
CA ILE A 375 5.72 -1.61 28.29
C ILE A 375 6.51 -0.62 29.14
N LYS A 376 6.04 -0.22 30.32
CA LYS A 376 6.72 0.83 31.13
C LYS A 376 8.12 0.38 31.58
N ASP A 377 8.44 -0.91 31.57
CA ASP A 377 9.75 -1.41 32.08
C ASP A 377 10.79 -1.44 30.96
N TYR A 378 10.39 -1.27 29.70
CA TYR A 378 11.35 -1.14 28.58
C TYR A 378 11.90 0.27 28.65
N ASN A 379 13.13 0.47 28.17
CA ASN A 379 13.71 1.83 28.04
C ASN A 379 12.82 2.63 27.09
N LYS A 380 12.94 3.96 27.13
CA LYS A 380 11.93 4.89 26.57
C LYS A 380 12.01 4.86 25.03
N THR A 381 13.20 4.61 24.46
CA THR A 381 13.46 4.49 23.01
C THR A 381 12.66 3.30 22.45
N ARG A 382 12.77 2.14 23.10
CA ARG A 382 12.02 0.90 22.76
C ARG A 382 10.51 1.14 22.90
N GLN A 383 10.08 1.78 23.98
CA GLN A 383 8.66 2.12 24.18
C GLN A 383 8.16 2.85 22.95
N ALA A 384 8.94 3.81 22.47
CA ALA A 384 8.49 4.75 21.43
C ALA A 384 8.40 3.99 20.11
N LEU A 385 9.31 3.06 19.88
CA LEU A 385 9.30 2.24 18.63
C LEU A 385 8.05 1.34 18.65
N ILE A 386 7.76 0.67 19.77
CA ILE A 386 6.58 -0.23 19.90
C ILE A 386 5.32 0.59 19.64
N LEU A 387 5.19 1.74 20.30
CA LEU A 387 3.99 2.58 20.19
C LEU A 387 3.85 3.09 18.74
N ALA A 388 4.97 3.40 18.09
CA ALA A 388 5.00 3.96 16.72
C ALA A 388 4.48 2.91 15.74
N ILE A 389 4.92 1.67 15.90
CA ILE A 389 4.49 0.51 15.09
C ILE A 389 2.98 0.30 15.29
N ALA A 390 2.52 0.19 16.53
CA ALA A 390 1.15 -0.19 16.87
C ALA A 390 0.17 0.88 16.34
N ARG A 391 0.56 2.15 16.40
CA ARG A 391 -0.33 3.26 15.97
C ARG A 391 -0.60 3.12 14.46
N GLN A 392 0.43 2.84 13.65
CA GLN A 392 0.29 2.65 12.20
C GLN A 392 -0.29 1.27 11.87
N GLU A 393 0.03 0.23 12.62
CA GLU A 393 -0.39 -1.15 12.30
C GLU A 393 -1.91 -1.27 12.50
N SER A 394 -2.45 -0.71 13.59
CA SER A 394 -3.78 -1.10 14.13
C SER A 394 -4.56 0.09 14.67
N ARG A 395 -3.90 1.22 14.97
CA ARG A 395 -4.47 2.31 15.81
C ARG A 395 -4.84 1.75 17.19
N PHE A 396 -4.08 0.73 17.61
CA PHE A 396 -4.13 0.12 18.97
C PHE A 396 -5.43 -0.66 19.14
N ILE A 397 -6.01 -1.14 18.04
CA ILE A 397 -7.27 -1.94 18.11
C ILE A 397 -6.85 -3.36 18.39
N PRO A 398 -7.17 -3.93 19.56
CA PRO A 398 -6.65 -5.23 19.94
C PRO A 398 -7.05 -6.38 18.99
N THR A 399 -8.23 -6.34 18.39
CA THR A 399 -8.75 -7.40 17.49
C THR A 399 -8.65 -6.98 16.02
N ALA A 400 -7.70 -6.10 15.71
CA ALA A 400 -7.39 -5.63 14.33
C ALA A 400 -7.00 -6.84 13.50
N ILE A 401 -7.59 -6.97 12.31
CA ILE A 401 -7.26 -8.06 11.34
C ILE A 401 -7.06 -7.45 9.95
N SER A 402 -5.91 -7.70 9.32
CA SER A 402 -5.56 -7.21 7.97
C SER A 402 -6.26 -8.06 6.89
N VAL A 403 -6.18 -7.64 5.63
CA VAL A 403 -6.68 -8.43 4.47
C VAL A 403 -5.80 -9.67 4.29
N SER A 404 -4.61 -9.74 4.90
CA SER A 404 -3.76 -10.95 4.87
C SER A 404 -3.78 -11.66 6.24
N TYR A 405 -4.74 -11.31 7.09
CA TYR A 405 -4.98 -11.91 8.43
C TYR A 405 -3.79 -11.71 9.38
N ALA A 406 -3.06 -10.59 9.27
CA ALA A 406 -2.18 -10.11 10.35
C ALA A 406 -3.05 -9.73 11.57
N LEU A 407 -2.59 -10.06 12.78
CA LEU A 407 -3.46 -10.10 14.00
C LEU A 407 -3.01 -9.10 15.07
N GLY A 408 -3.98 -8.39 15.65
CA GLY A 408 -3.90 -7.58 16.87
C GLY A 408 -3.14 -6.28 16.69
N MET A 409 -2.75 -5.67 17.80
CA MET A 409 -2.20 -4.28 17.86
C MET A 409 -0.90 -4.17 17.03
N MET A 410 -0.14 -5.24 16.94
CA MET A 410 1.21 -5.23 16.35
C MET A 410 1.20 -6.03 15.03
N GLN A 411 0.01 -6.50 14.62
CA GLN A 411 -0.24 -7.04 13.25
C GLN A 411 0.82 -8.10 12.88
N PHE A 412 0.93 -9.14 13.72
CA PHE A 412 1.73 -10.36 13.44
C PHE A 412 1.00 -11.23 12.41
N MET A 413 1.72 -11.67 11.39
CA MET A 413 1.26 -12.76 10.52
C MET A 413 1.25 -14.04 11.34
N PRO A 414 0.23 -14.92 11.18
CA PRO A 414 0.17 -16.19 11.90
C PRO A 414 1.47 -17.00 11.95
N PHE A 415 2.15 -17.18 10.81
CA PHE A 415 3.38 -18.00 10.75
C PHE A 415 4.33 -17.49 11.84
N LEU A 416 4.48 -16.16 11.93
CA LEU A 416 5.42 -15.46 12.85
C LEU A 416 4.94 -15.55 14.29
N ALA A 417 3.66 -15.25 14.55
CA ALA A 417 3.05 -15.41 15.89
C ALA A 417 3.30 -16.83 16.41
N ASN A 418 3.13 -17.85 15.57
CA ASN A 418 3.26 -19.28 15.94
C ASN A 418 4.74 -19.65 16.12
N HIS A 419 5.63 -19.12 15.29
CA HIS A 419 7.09 -19.37 15.44
C HIS A 419 7.54 -18.84 16.80
N ILE A 420 7.15 -17.63 17.17
CA ILE A 420 7.53 -17.01 18.47
C ILE A 420 6.77 -17.71 19.61
N GLY A 421 5.48 -17.95 19.45
CA GLY A 421 4.60 -18.47 20.52
C GLY A 421 4.95 -19.90 20.90
N GLU A 422 5.08 -20.79 19.90
CA GLU A 422 5.29 -22.25 20.10
C GLU A 422 6.79 -22.55 20.11
N LYS A 423 7.48 -22.36 19.00
CA LYS A 423 8.88 -22.84 18.79
C LYS A 423 9.86 -22.04 19.68
N GLU A 424 9.74 -20.71 19.82
CA GLU A 424 10.74 -19.87 20.54
C GLU A 424 10.37 -19.73 22.01
N LEU A 425 9.14 -19.32 22.36
CA LEU A 425 8.75 -18.91 23.74
C LEU A 425 8.05 -20.06 24.48
N LYS A 426 7.67 -21.12 23.76
CA LYS A 426 7.06 -22.37 24.27
C LYS A 426 5.90 -22.06 25.24
N ILE A 427 5.10 -21.03 24.94
CA ILE A 427 3.95 -20.64 25.79
C ILE A 427 2.98 -21.81 25.80
N PRO A 428 2.54 -22.28 26.98
CA PRO A 428 1.59 -23.40 27.05
C PRO A 428 0.21 -23.08 26.44
N ASN A 429 -0.27 -23.98 25.57
CA ASN A 429 -1.59 -23.97 24.88
C ASN A 429 -1.68 -22.73 24.00
N PHE A 430 -0.54 -22.31 23.43
CA PHE A 430 -0.46 -21.11 22.59
C PHE A 430 -1.44 -21.29 21.43
N ASP A 431 -2.19 -20.23 21.16
CA ASP A 431 -2.94 -20.08 19.90
C ASP A 431 -2.63 -18.69 19.34
N GLN A 432 -2.54 -18.58 18.01
CA GLN A 432 -2.26 -17.31 17.27
C GLN A 432 -3.24 -16.20 17.70
N ASP A 433 -4.47 -16.52 18.12
CA ASP A 433 -5.47 -15.55 18.65
C ASP A 433 -4.96 -14.88 19.93
N PHE A 434 -3.88 -15.38 20.56
CA PHE A 434 -3.25 -14.70 21.72
C PHE A 434 -2.71 -13.33 21.28
N MET A 435 -2.40 -13.14 20.00
CA MET A 435 -1.94 -11.85 19.42
C MET A 435 -2.99 -10.75 19.62
N PHE A 436 -4.25 -11.10 19.93
CA PHE A 436 -5.35 -10.15 20.24
C PHE A 436 -5.24 -9.60 21.67
N LYS A 437 -4.42 -10.23 22.52
CA LYS A 437 -4.12 -9.76 23.89
C LYS A 437 -3.04 -8.69 23.84
N PRO A 438 -3.32 -7.47 24.32
CA PRO A 438 -2.30 -6.44 24.45
C PRO A 438 -0.99 -6.93 25.10
N GLU A 439 -1.09 -7.60 26.25
CA GLU A 439 0.10 -8.15 26.95
C GLU A 439 0.95 -8.89 25.92
N ILE A 440 0.31 -9.70 25.07
CA ILE A 440 1.03 -10.60 24.13
C ILE A 440 1.55 -9.78 22.94
N ALA A 441 0.70 -8.96 22.33
CA ALA A 441 1.08 -8.14 21.17
C ALA A 441 2.34 -7.33 21.53
N TYR A 442 2.34 -6.69 22.70
CA TYR A 442 3.46 -5.80 23.10
C TYR A 442 4.72 -6.62 23.36
N TYR A 443 4.53 -7.76 24.03
CA TYR A 443 5.60 -8.73 24.40
C TYR A 443 6.23 -9.28 23.13
N PHE A 444 5.42 -9.72 22.17
CA PHE A 444 5.93 -10.31 20.90
C PHE A 444 6.60 -9.23 20.06
N GLY A 445 6.03 -8.02 20.10
CA GLY A 445 6.59 -6.85 19.41
C GLY A 445 7.99 -6.56 19.91
N ASN A 446 8.13 -6.45 21.22
CA ASN A 446 9.45 -6.24 21.87
C ASN A 446 10.41 -7.34 21.38
N TYR A 447 9.98 -8.59 21.49
CA TYR A 447 10.84 -9.75 21.10
C TYR A 447 11.26 -9.59 19.65
N HIS A 448 10.31 -9.33 18.75
CA HIS A 448 10.61 -9.29 17.30
C HIS A 448 11.47 -8.06 16.99
N LEU A 449 11.15 -6.91 17.60
CA LEU A 449 11.97 -5.67 17.42
C LEU A 449 13.42 -5.87 17.90
N ASN A 450 13.64 -6.58 19.02
CA ASN A 450 15.01 -6.94 19.45
C ASN A 450 15.74 -7.65 18.32
N TYR A 451 15.07 -8.57 17.63
CA TYR A 451 15.73 -9.35 16.54
C TYR A 451 16.04 -8.37 15.41
N LEU A 452 15.13 -7.45 15.06
CA LEU A 452 15.30 -6.57 13.87
C LEU A 452 16.36 -5.50 14.16
N GLU A 453 16.26 -4.84 15.32
CA GLU A 453 17.13 -3.71 15.72
C GLU A 453 18.57 -4.21 15.87
N SER A 454 18.79 -5.41 16.41
CA SER A 454 20.16 -5.95 16.57
C SER A 454 20.82 -6.11 15.18
N ARG A 455 20.04 -6.40 14.13
CA ARG A 455 20.57 -6.58 12.75
C ARG A 455 20.57 -5.27 11.94
N LEU A 456 19.78 -4.24 12.30
CA LEU A 456 19.48 -3.10 11.39
C LEU A 456 19.75 -1.73 12.00
N LYS A 457 19.60 -1.57 13.31
CA LYS A 457 20.03 -0.31 14.02
C LYS A 457 19.01 0.83 13.80
N SER A 458 18.94 1.43 12.60
CA SER A 458 18.01 2.55 12.33
C SER A 458 16.55 2.14 12.50
N PRO A 459 15.74 2.95 13.22
CA PRO A 459 14.32 2.67 13.37
C PRO A 459 13.58 2.72 12.02
N LEU A 460 14.06 3.50 11.04
CA LEU A 460 13.45 3.49 9.69
C LEU A 460 13.63 2.10 9.06
N PHE A 461 14.82 1.52 9.18
CA PHE A 461 15.17 0.21 8.58
C PHE A 461 14.37 -0.89 9.30
N VAL A 462 14.26 -0.79 10.62
CA VAL A 462 13.44 -1.75 11.42
C VAL A 462 12.00 -1.70 10.90
N ALA A 463 11.50 -0.49 10.59
CA ALA A 463 10.10 -0.28 10.15
C ALA A 463 9.92 -1.01 8.83
N TYR A 464 10.86 -0.84 7.90
CA TYR A 464 10.79 -1.53 6.58
C TYR A 464 10.77 -3.06 6.79
N ALA A 465 11.63 -3.56 7.68
CA ALA A 465 11.77 -5.01 7.88
C ALA A 465 10.53 -5.57 8.58
N TYR A 466 9.88 -4.75 9.40
CA TYR A 466 8.75 -5.22 10.24
C TYR A 466 7.56 -5.44 9.31
N ASN A 467 7.43 -4.63 8.26
CA ASN A 467 6.26 -4.61 7.36
C ASN A 467 6.51 -5.51 6.16
N GLY A 468 7.72 -5.46 5.58
CA GLY A 468 8.11 -6.12 4.32
C GLY A 468 9.05 -7.31 4.51
N GLY A 469 9.59 -7.49 5.71
CA GLY A 469 10.47 -8.60 6.08
C GLY A 469 11.94 -8.21 6.01
N ILE A 470 12.76 -8.93 6.76
CA ILE A 470 14.21 -8.60 6.84
C ILE A 470 14.95 -9.10 5.59
N GLY A 471 14.44 -10.13 4.89
CA GLY A 471 14.99 -10.59 3.60
C GLY A 471 14.93 -9.47 2.57
N PHE A 472 13.72 -8.97 2.32
CA PHE A 472 13.42 -7.78 1.49
C PHE A 472 14.33 -6.60 1.88
N THR A 473 14.41 -6.27 3.17
CA THR A 473 15.14 -5.06 3.63
C THR A 473 16.65 -5.27 3.44
N ASN A 474 17.17 -6.46 3.74
CA ASN A 474 18.61 -6.77 3.51
C ASN A 474 18.91 -6.63 2.02
N ARG A 475 18.02 -7.12 1.14
CA ARG A 475 18.23 -7.07 -0.33
C ARG A 475 18.26 -5.61 -0.78
N MET A 476 17.36 -4.78 -0.24
CA MET A 476 17.32 -3.34 -0.60
C MET A 476 18.61 -2.62 -0.15
N LEU A 477 19.03 -2.83 1.09
CA LEU A 477 20.22 -2.15 1.68
C LEU A 477 21.52 -2.61 1.01
N ALA A 478 21.56 -3.82 0.45
CA ALA A 478 22.74 -4.39 -0.23
C ALA A 478 23.00 -3.65 -1.55
N ARG A 479 21.95 -3.15 -2.22
CA ARG A 479 22.10 -2.39 -3.49
C ARG A 479 23.04 -1.21 -3.24
N ASN A 480 23.81 -0.82 -4.25
CA ASN A 480 24.82 0.26 -4.09
C ASN A 480 24.18 1.61 -4.47
N ASP A 481 22.90 1.64 -4.85
CA ASP A 481 22.13 2.88 -5.15
C ASP A 481 21.09 3.20 -4.05
N MET A 482 21.02 2.45 -2.95
CA MET A 482 20.04 2.71 -1.85
C MET A 482 20.78 3.00 -0.54
N PHE A 483 20.47 4.16 0.05
CA PHE A 483 20.91 4.63 1.39
C PHE A 483 22.43 4.71 1.44
N LYS A 484 23.05 5.18 0.36
CA LYS A 484 24.49 5.54 0.26
C LYS A 484 24.60 7.07 0.28
N THR A 485 25.80 7.63 0.20
CA THR A 485 26.03 9.09 0.19
C THR A 485 25.53 9.64 -1.14
N GLY A 486 25.11 10.90 -1.17
CA GLY A 486 24.64 11.57 -2.39
C GLY A 486 23.98 12.86 -2.03
N LYS A 487 24.02 13.81 -2.96
CA LYS A 487 23.31 15.11 -2.91
C LYS A 487 22.02 15.05 -2.08
N PHE A 488 21.10 14.16 -2.48
CA PHE A 488 19.69 14.21 -2.07
C PHE A 488 19.37 13.03 -1.15
N GLU A 489 20.41 12.38 -0.64
CA GLU A 489 20.32 11.23 0.27
C GLU A 489 20.19 11.75 1.69
N PRO A 490 19.52 11.03 2.62
CA PRO A 490 18.84 9.77 2.31
C PRO A 490 17.41 9.92 1.76
N PHE A 491 16.97 11.14 1.49
CA PHE A 491 15.56 11.42 1.12
C PHE A 491 15.19 10.69 -0.18
N LEU A 492 16.10 10.62 -1.16
CA LEU A 492 15.80 10.02 -2.48
C LEU A 492 15.55 8.52 -2.29
N SER A 493 16.41 7.84 -1.52
CA SER A 493 16.30 6.38 -1.28
C SER A 493 14.93 6.06 -0.70
N MET A 494 14.42 6.90 0.21
CA MET A 494 13.07 6.73 0.84
C MET A 494 11.95 6.82 -0.20
N GLU A 495 12.17 7.50 -1.33
CA GLU A 495 11.18 7.54 -2.44
C GLU A 495 11.36 6.33 -3.37
N LEU A 496 12.46 5.57 -3.29
CA LEU A 496 12.80 4.50 -4.27
C LEU A 496 12.68 3.10 -3.64
N VAL A 497 12.09 3.00 -2.45
CA VAL A 497 11.87 1.72 -1.75
C VAL A 497 10.89 0.92 -2.59
N PRO A 498 11.30 -0.24 -3.15
CA PRO A 498 10.53 -0.90 -4.22
C PRO A 498 9.10 -1.38 -3.89
N TYR A 499 8.77 -1.69 -2.64
CA TYR A 499 7.41 -2.16 -2.23
C TYR A 499 6.71 -0.91 -1.65
N GLN A 500 5.67 -0.41 -2.33
CA GLN A 500 4.92 0.83 -1.97
C GLN A 500 4.39 0.80 -0.52
N GLU A 501 3.82 -0.33 -0.10
CA GLU A 501 3.26 -0.45 1.26
C GLU A 501 4.37 -0.12 2.28
N SER A 502 5.59 -0.56 2.02
CA SER A 502 6.75 -0.46 2.95
C SER A 502 7.31 0.97 2.91
N ARG A 503 7.30 1.62 1.74
CA ARG A 503 7.75 3.01 1.48
C ARG A 503 6.91 4.02 2.29
N ILE A 504 5.59 3.91 2.21
CA ILE A 504 4.62 4.71 3.01
C ILE A 504 4.77 4.35 4.50
N TYR A 505 4.85 3.06 4.82
CA TYR A 505 4.90 2.58 6.24
C TYR A 505 6.09 3.22 6.98
N GLY A 506 7.26 3.20 6.36
CA GLY A 506 8.49 3.70 7.00
C GLY A 506 8.36 5.17 7.36
N LYS A 507 7.84 5.98 6.45
CA LYS A 507 7.72 7.44 6.65
C LYS A 507 6.81 7.66 7.87
N LYS A 508 5.69 6.93 7.94
CA LYS A 508 4.62 7.14 8.92
C LYS A 508 5.10 6.68 10.28
N VAL A 509 5.82 5.55 10.34
CA VAL A 509 6.28 4.98 11.64
C VAL A 509 7.40 5.87 12.16
N LEU A 510 8.23 6.40 11.26
CA LEU A 510 9.33 7.31 11.65
C LEU A 510 8.76 8.55 12.35
N ALA A 511 7.73 9.17 11.78
CA ALA A 511 7.09 10.36 12.36
C ALA A 511 6.55 9.96 13.73
N ASN A 512 5.87 8.82 13.81
CA ASN A 512 5.26 8.33 15.06
C ASN A 512 6.37 8.19 16.11
N TYR A 513 7.50 7.62 15.72
CA TYR A 513 8.67 7.36 16.59
C TYR A 513 9.16 8.69 17.20
N ILE A 514 9.41 9.68 16.33
CA ILE A 514 9.80 11.05 16.76
C ILE A 514 8.81 11.58 17.81
N VAL A 515 7.49 11.48 17.57
CA VAL A 515 6.48 12.06 18.49
C VAL A 515 6.55 11.34 19.85
N TYR A 516 6.50 10.01 19.85
CA TYR A 516 6.46 9.19 21.09
C TYR A 516 7.76 9.43 21.86
N ARG A 517 8.90 9.56 21.19
CA ARG A 517 10.16 9.86 21.90
C ARG A 517 10.00 11.22 22.60
N HIS A 518 9.40 12.20 21.90
CA HIS A 518 9.11 13.52 22.48
C HIS A 518 8.16 13.37 23.68
N LEU A 519 7.05 12.64 23.57
CA LEU A 519 6.07 12.54 24.70
C LEU A 519 6.71 11.83 25.90
N LEU A 520 7.66 10.93 25.69
CA LEU A 520 8.29 10.15 26.77
C LEU A 520 9.50 10.90 27.35
N ASN A 521 9.75 12.17 26.97
CA ASN A 521 10.91 12.99 27.45
C ASN A 521 12.22 12.29 27.11
N ASP A 522 12.31 11.77 25.89
CA ASP A 522 13.52 11.14 25.30
C ASP A 522 13.64 11.65 23.86
N SER A 523 13.49 12.97 23.66
CA SER A 523 13.58 13.69 22.37
C SER A 523 14.86 13.33 21.63
N ILE A 524 14.77 13.14 20.32
CA ILE A 524 15.93 13.03 19.40
C ILE A 524 15.62 13.95 18.22
N LYS A 525 16.64 14.63 17.70
CA LYS A 525 16.47 15.47 16.49
C LYS A 525 16.30 14.50 15.30
N ILE A 526 15.30 14.73 14.44
CA ILE A 526 15.06 13.85 13.26
C ILE A 526 16.24 14.00 12.30
N SER A 527 16.97 15.11 12.38
CA SER A 527 18.23 15.28 11.63
C SER A 527 19.25 14.19 12.03
N ASP A 528 19.29 13.75 13.29
CA ASP A 528 20.24 12.68 13.72
C ASP A 528 19.82 11.36 13.04
N ILE A 529 18.51 11.09 12.99
CA ILE A 529 17.99 9.86 12.34
C ILE A 529 18.40 9.88 10.87
N PHE A 530 18.30 11.02 10.18
CA PHE A 530 18.56 11.10 8.72
C PHE A 530 20.05 10.89 8.48
N GLU A 531 20.92 11.45 9.33
CA GLU A 531 22.39 11.27 9.20
C GLU A 531 22.77 9.78 9.26
N ASN A 532 22.15 9.01 10.17
CA ASN A 532 22.48 7.59 10.45
C ASN A 532 21.91 6.65 9.37
N LEU A 533 21.13 7.16 8.41
CA LEU A 533 20.65 6.37 7.25
C LEU A 533 21.74 6.27 6.19
N ILE A 534 22.77 7.11 6.22
CA ILE A 534 23.84 7.05 5.19
C ILE A 534 24.98 6.15 5.70
N GLN A 535 25.30 5.07 4.97
CA GLN A 535 26.32 4.06 5.40
C GLN A 535 27.73 4.61 5.19
N ASN A 536 28.39 4.97 6.30
CA ASN A 536 29.85 5.31 6.37
C ASN A 536 30.54 4.23 7.22
#